data_5Z0C
#
_entry.id   5Z0C
#
_cell.length_a   83.000
_cell.length_b   54.030
_cell.length_c   79.370
_cell.angle_alpha   90.000
_cell.angle_beta   90.000
_cell.angle_gamma   90.000
#
_symmetry.space_group_name_H-M   'P 21 21 2'
#
loop_
_entity.id
_entity.type
_entity.pdbx_description
1 polymer 'Nerol dehydrogenase'
2 non-polymer 'ZINC ION'
3 non-polymer GLYCEROL
4 non-polymer BETA-MERCAPTOETHANOL
5 water water
#
_entity_poly.entity_id   1
_entity_poly.type   'polypeptide(L)'
_entity_poly.pdbx_seq_one_letter_code
;MEMGNGTEEHTVKAVGWAARDPSGHLSPFTFSRRATGELDVTFKVLYCGICHSDLHYIKNEWSNTIYPALPGHEIVGEVT
EVGSKVNKFKVGDKVGVGCIVGSCHSCPNCNNHLENYCPNRILTFGSRYYDGTLNHGGYSDLMVVQEHFAVRIPDALPLD
SAAPLLCAGITVYSPLRYYGLDKPGLHVGVVGLGGLGHMAVKFAKAFGVKVTVVSTSPAKKEDAISGLGAHSFILSTDAE
QMQAAVGTMDGIIDTVSASHPLPPLISLLKSHGKLVMVGDPPKPLELPVFPLLLGRKMVAGSAIGGMKETQEMIDFAAKE
GVRADVEVIPMDYVNTAMQRVSKSDVKYRFVIDIGNTFNDSLISSEVEHHHHHH
;
_entity_poly.pdbx_strand_id   A
#
# COMPACT_ATOMS: atom_id res chain seq x y z
N GLU A 8 30.43 -18.87 7.23
CA GLU A 8 30.75 -18.13 8.49
C GLU A 8 29.55 -17.30 9.00
N GLU A 9 28.95 -16.46 8.17
CA GLU A 9 27.90 -15.60 8.72
C GLU A 9 26.50 -15.96 8.25
N HIS A 10 25.64 -16.45 9.12
CA HIS A 10 24.34 -16.98 8.68
C HIS A 10 23.24 -15.93 8.81
N THR A 11 23.42 -15.00 9.74
CA THR A 11 22.41 -13.90 9.97
C THR A 11 23.22 -12.62 10.20
N VAL A 12 22.52 -11.48 10.13
CA VAL A 12 23.08 -10.19 10.35
C VAL A 12 22.16 -9.38 11.29
N LYS A 13 22.70 -8.45 12.02
CA LYS A 13 21.94 -7.61 12.93
C LYS A 13 21.23 -6.46 12.21
N ALA A 14 19.95 -6.32 12.52
CA ALA A 14 19.10 -5.21 12.04
C ALA A 14 18.47 -4.52 13.24
N VAL A 15 18.01 -3.32 13.01
CA VAL A 15 17.26 -2.58 14.06
C VAL A 15 15.97 -2.01 13.44
N GLY A 16 14.92 -2.07 14.20
CA GLY A 16 13.62 -1.51 13.73
C GLY A 16 12.86 -0.90 14.91
N TRP A 17 11.71 -0.34 14.62
CA TRP A 17 10.75 0.03 15.67
C TRP A 17 9.59 -0.95 15.63
N ALA A 18 9.31 -1.59 16.77
CA ALA A 18 8.37 -2.69 16.89
C ALA A 18 7.46 -2.48 18.09
N ALA A 19 6.27 -3.06 17.95
CA ALA A 19 5.31 -3.11 19.08
C ALA A 19 5.50 -4.40 19.82
N ARG A 20 5.23 -4.34 21.13
CA ARG A 20 5.35 -5.49 22.02
C ARG A 20 3.99 -6.04 22.56
N ASP A 21 2.94 -5.26 22.34
CA ASP A 21 1.59 -5.59 22.82
C ASP A 21 0.55 -4.77 22.06
N PRO A 22 -0.77 -5.06 22.30
CA PRO A 22 -1.86 -4.41 21.56
C PRO A 22 -2.10 -2.96 21.76
N SER A 23 -1.34 -2.34 22.68
CA SER A 23 -1.29 -0.90 22.69
C SER A 23 -0.80 -0.31 21.36
N GLY A 24 0.01 -1.12 20.68
CA GLY A 24 0.62 -0.66 19.47
C GLY A 24 1.76 0.29 19.56
N HIS A 25 2.29 0.55 20.77
CA HIS A 25 3.32 1.52 20.97
C HIS A 25 4.63 0.99 20.35
N LEU A 26 5.22 1.75 19.49
CA LEU A 26 6.45 1.34 18.77
C LEU A 26 7.65 1.85 19.54
N SER A 27 8.65 0.98 19.64
CA SER A 27 9.94 1.46 20.17
C SER A 27 11.04 0.63 19.54
N PRO A 28 12.30 1.06 19.73
CA PRO A 28 13.43 0.27 19.14
C PRO A 28 13.50 -1.18 19.47
N PHE A 29 13.94 -1.99 18.51
CA PHE A 29 13.99 -3.42 18.59
C PHE A 29 15.12 -3.93 17.69
N THR A 30 16.04 -4.71 18.29
CA THR A 30 17.21 -5.24 17.59
C THR A 30 17.03 -6.68 17.38
N PHE A 31 17.22 -7.14 16.14
CA PHE A 31 16.87 -8.46 15.72
C PHE A 31 17.77 -8.98 14.59
N SER A 32 17.63 -10.24 14.21
CA SER A 32 18.46 -10.80 13.17
C SER A 32 17.65 -10.91 11.86
N ARG A 33 18.31 -10.61 10.75
CA ARG A 33 17.86 -11.03 9.50
C ARG A 33 18.81 -12.05 8.88
N ARG A 34 18.30 -12.83 7.95
CA ARG A 34 19.20 -13.76 7.24
C ARG A 34 20.31 -13.06 6.50
N ALA A 35 21.50 -13.69 6.45
CA ALA A 35 22.55 -13.16 5.54
C ALA A 35 22.13 -13.38 4.11
N THR A 36 22.74 -12.64 3.22
CA THR A 36 22.35 -12.66 1.82
C THR A 36 22.56 -14.04 1.23
N GLY A 37 21.51 -14.74 0.92
CA GLY A 37 21.65 -16.02 0.18
C GLY A 37 21.90 -15.81 -1.30
N GLU A 38 22.08 -16.92 -2.02
CA GLU A 38 22.50 -16.90 -3.41
C GLU A 38 21.53 -16.05 -4.30
N LEU A 39 20.25 -16.05 -3.99
CA LEU A 39 19.25 -15.31 -4.79
C LEU A 39 18.61 -14.18 -4.01
N ASP A 40 19.28 -13.73 -2.93
CA ASP A 40 18.76 -12.61 -2.14
C ASP A 40 19.38 -11.29 -2.55
N VAL A 41 18.69 -10.23 -2.10
CA VAL A 41 19.16 -8.88 -2.20
C VAL A 41 19.02 -8.28 -0.79
N THR A 42 20.11 -7.71 -0.25
CA THR A 42 20.15 -6.95 0.95
C THR A 42 20.22 -5.46 0.61
N PHE A 43 19.43 -4.65 1.30
CA PHE A 43 19.42 -3.26 1.06
C PHE A 43 19.25 -2.40 2.31
N LYS A 44 19.83 -1.22 2.25
CA LYS A 44 19.68 -0.25 3.27
C LYS A 44 18.32 0.43 3.03
N VAL A 45 17.48 0.47 4.03
CA VAL A 45 16.14 1.08 3.87
C VAL A 45 16.27 2.58 3.86
N LEU A 46 15.68 3.25 2.86
CA LEU A 46 15.69 4.70 2.79
C LEU A 46 14.35 5.37 3.16
N TYR A 47 13.25 4.73 2.79
CA TYR A 47 11.89 5.25 3.10
C TYR A 47 10.99 4.07 3.33
N CYS A 48 10.01 4.25 4.23
CA CYS A 48 8.93 3.25 4.34
C CYS A 48 7.60 3.99 4.50
N GLY A 49 6.64 3.69 3.62
CA GLY A 49 5.32 4.26 3.76
C GLY A 49 4.62 3.63 4.94
N ILE A 50 3.70 4.39 5.49
CA ILE A 50 2.81 3.90 6.55
C ILE A 50 1.40 3.59 6.00
N CYS A 51 1.04 2.32 6.13
CA CYS A 51 -0.26 1.75 5.68
C CYS A 51 -1.16 1.54 6.86
N HIS A 52 -2.51 1.68 6.66
CA HIS A 52 -3.41 1.35 7.80
C HIS A 52 -3.23 -0.08 8.28
N SER A 53 -2.83 -1.03 7.38
CA SER A 53 -2.60 -2.37 7.84
C SER A 53 -1.49 -2.50 8.92
N ASP A 54 -0.53 -1.56 8.80
CA ASP A 54 0.56 -1.49 9.81
C ASP A 54 -0.04 -1.24 11.20
N LEU A 55 -0.92 -0.25 11.26
CA LEU A 55 -1.63 0.07 12.53
C LEU A 55 -2.48 -1.06 13.00
N HIS A 56 -3.33 -1.63 12.12
CA HIS A 56 -4.10 -2.81 12.50
C HIS A 56 -3.33 -3.99 13.05
N TYR A 57 -2.18 -4.28 12.44
CA TYR A 57 -1.43 -5.39 12.87
C TYR A 57 -0.84 -5.11 14.29
N ILE A 58 -0.26 -3.97 14.50
CA ILE A 58 0.45 -3.70 15.77
C ILE A 58 -0.60 -3.61 16.91
N LYS A 59 -1.83 -3.21 16.55
CA LYS A 59 -2.97 -3.20 17.50
C LYS A 59 -3.71 -4.53 17.63
N ASN A 60 -3.25 -5.61 17.03
CA ASN A 60 -3.83 -6.94 17.14
C ASN A 60 -5.29 -6.94 16.68
N GLU A 61 -5.59 -6.10 15.71
CA GLU A 61 -7.00 -5.99 15.21
C GLU A 61 -7.61 -7.31 14.81
N TRP A 62 -6.86 -8.25 14.27
CA TRP A 62 -7.40 -9.56 13.89
C TRP A 62 -7.13 -10.66 14.86
N SER A 63 -6.75 -10.30 16.07
CA SER A 63 -6.41 -11.27 17.10
C SER A 63 -5.41 -12.34 16.69
N ASN A 64 -4.49 -12.05 15.76
CA ASN A 64 -3.55 -13.04 15.35
C ASN A 64 -2.15 -12.46 15.12
N THR A 65 -1.90 -11.31 15.72
CA THR A 65 -0.60 -10.69 15.64
C THR A 65 0.41 -11.50 16.48
N ILE A 66 1.61 -11.68 15.94
CA ILE A 66 2.74 -12.25 16.71
C ILE A 66 3.66 -11.11 17.14
N TYR A 67 3.87 -10.96 18.47
CA TYR A 67 4.70 -9.95 19.00
C TYR A 67 6.05 -10.56 19.35
N PRO A 68 7.13 -9.80 19.17
CA PRO A 68 7.18 -8.44 18.70
C PRO A 68 6.74 -8.25 17.23
N ALA A 69 6.06 -7.13 17.00
CA ALA A 69 5.37 -6.88 15.73
C ALA A 69 6.02 -5.67 15.11
N LEU A 70 6.70 -5.91 13.96
CA LEU A 70 7.50 -4.86 13.27
C LEU A 70 6.86 -4.75 11.86
N PRO A 71 6.00 -3.74 11.67
CA PRO A 71 5.29 -3.60 10.39
C PRO A 71 6.05 -2.85 9.37
N GLY A 72 5.37 -2.33 8.32
CA GLY A 72 6.01 -1.64 7.21
C GLY A 72 6.12 -2.48 5.97
N HIS A 73 5.29 -2.21 4.96
CA HIS A 73 5.36 -2.97 3.70
C HIS A 73 5.25 -2.11 2.47
N GLU A 74 5.79 -0.91 2.56
CA GLU A 74 5.98 0.00 1.46
C GLU A 74 7.43 0.48 1.52
N ILE A 75 8.35 -0.39 1.09
CA ILE A 75 9.77 -0.30 1.54
C ILE A 75 10.59 0.12 0.33
N VAL A 76 11.37 1.20 0.43
CA VAL A 76 12.24 1.59 -0.68
C VAL A 76 13.66 1.75 -0.13
N GLY A 77 14.67 1.33 -0.90
CA GLY A 77 16.04 1.50 -0.41
C GLY A 77 17.06 1.25 -1.49
N GLU A 78 18.31 1.11 -1.02
CA GLU A 78 19.47 1.02 -1.91
C GLU A 78 20.23 -0.27 -1.62
N VAL A 79 20.41 -1.05 -2.67
CA VAL A 79 21.03 -2.38 -2.56
C VAL A 79 22.46 -2.22 -2.02
N THR A 80 22.75 -2.97 -0.99
CA THR A 80 24.11 -3.04 -0.43
C THR A 80 24.84 -4.37 -0.73
N GLU A 81 24.11 -5.45 -0.95
CA GLU A 81 24.74 -6.73 -1.22
C GLU A 81 23.83 -7.54 -2.05
N VAL A 82 24.36 -8.26 -3.04
CA VAL A 82 23.54 -9.17 -3.84
C VAL A 82 24.08 -10.61 -3.77
N GLY A 83 23.17 -11.57 -3.77
CA GLY A 83 23.57 -12.94 -3.68
C GLY A 83 24.41 -13.37 -4.88
N SER A 84 25.16 -14.46 -4.71
CA SER A 84 26.10 -14.85 -5.80
C SER A 84 25.43 -15.25 -7.13
N LYS A 85 24.14 -15.55 -7.14
CA LYS A 85 23.49 -15.85 -8.38
C LYS A 85 22.60 -14.76 -8.96
N VAL A 86 22.51 -13.62 -8.30
CA VAL A 86 21.63 -12.55 -8.67
C VAL A 86 22.25 -11.73 -9.79
N ASN A 87 21.47 -11.56 -10.85
CA ASN A 87 21.91 -10.79 -12.01
C ASN A 87 21.14 -9.53 -12.24
N LYS A 88 19.87 -9.47 -11.80
CA LYS A 88 19.00 -8.33 -12.14
C LYS A 88 19.23 -7.05 -11.36
N PHE A 89 19.88 -7.16 -10.21
CA PHE A 89 20.21 -6.05 -9.37
C PHE A 89 21.74 -6.00 -9.13
N LYS A 90 22.23 -4.81 -8.99
CA LYS A 90 23.57 -4.54 -8.61
C LYS A 90 23.63 -3.65 -7.35
N VAL A 91 24.73 -3.71 -6.62
CA VAL A 91 24.98 -2.79 -5.56
C VAL A 91 24.77 -1.35 -6.01
N GLY A 92 24.01 -0.57 -5.22
CA GLY A 92 23.69 0.82 -5.52
C GLY A 92 22.34 0.99 -6.21
N ASP A 93 21.75 -0.05 -6.76
CA ASP A 93 20.42 0.06 -7.38
C ASP A 93 19.38 0.47 -6.28
N LYS A 94 18.38 1.26 -6.67
CA LYS A 94 17.24 1.56 -5.79
C LYS A 94 16.19 0.51 -6.02
N VAL A 95 15.68 -0.05 -4.94
CA VAL A 95 14.73 -1.15 -4.96
C VAL A 95 13.51 -0.91 -4.03
N GLY A 96 12.43 -1.60 -4.36
CA GLY A 96 11.21 -1.62 -3.53
C GLY A 96 10.77 -3.02 -3.20
N VAL A 97 10.11 -3.13 -2.05
CA VAL A 97 9.45 -4.33 -1.55
C VAL A 97 8.07 -3.87 -1.09
N GLY A 98 7.06 -4.63 -1.48
CA GLY A 98 5.67 -4.42 -1.08
C GLY A 98 5.21 -5.44 -0.04
N CYS A 99 4.03 -5.99 -0.29
CA CYS A 99 3.31 -6.82 0.68
CA CYS A 99 3.36 -6.79 0.73
C CYS A 99 3.70 -8.29 0.70
N ILE A 100 4.42 -8.75 -0.34
CA ILE A 100 4.80 -10.15 -0.44
CA ILE A 100 4.78 -10.16 -0.50
C ILE A 100 6.29 -10.35 -0.56
N VAL A 101 6.79 -11.37 0.14
CA VAL A 101 8.19 -11.70 0.12
C VAL A 101 8.45 -13.20 -0.27
N GLY A 102 7.41 -13.97 -0.61
CA GLY A 102 7.56 -15.36 -0.98
C GLY A 102 6.31 -15.85 -1.64
N SER A 103 6.47 -16.92 -2.42
CA SER A 103 5.31 -17.68 -2.92
C SER A 103 5.88 -19.01 -3.44
N CYS A 104 4.97 -19.88 -3.93
CA CYS A 104 5.43 -21.25 -4.22
C CYS A 104 6.14 -21.49 -5.50
N HIS A 105 5.93 -20.63 -6.49
CA HIS A 105 6.55 -20.65 -7.77
C HIS A 105 6.13 -21.91 -8.60
N SER A 106 5.07 -22.59 -8.24
CA SER A 106 4.63 -23.76 -9.00
C SER A 106 3.14 -24.00 -8.71
N CYS A 107 2.37 -22.95 -8.89
CA CYS A 107 0.90 -23.02 -8.96
C CYS A 107 0.45 -22.14 -10.12
N PRO A 108 -0.83 -22.28 -10.55
CA PRO A 108 -1.27 -21.50 -11.69
C PRO A 108 -1.17 -20.00 -11.47
N ASN A 109 -1.44 -19.57 -10.24
CA ASN A 109 -1.28 -18.11 -9.96
C ASN A 109 0.17 -17.63 -10.04
N CYS A 110 1.09 -18.36 -9.44
CA CYS A 110 2.48 -17.96 -9.59
C CYS A 110 2.90 -17.96 -11.00
N ASN A 111 2.50 -19.04 -11.72
CA ASN A 111 2.93 -19.17 -13.16
C ASN A 111 2.36 -18.11 -14.04
N ASN A 112 1.28 -17.49 -13.61
CA ASN A 112 0.68 -16.34 -14.30
C ASN A 112 0.99 -14.93 -13.67
N HIS A 113 2.09 -14.85 -12.90
CA HIS A 113 2.59 -13.56 -12.43
C HIS A 113 1.68 -13.00 -11.32
N LEU A 114 1.06 -13.88 -10.56
CA LEU A 114 0.06 -13.52 -9.56
C LEU A 114 0.40 -14.13 -8.25
N GLU A 115 1.62 -13.86 -7.80
CA GLU A 115 2.08 -14.39 -6.49
C GLU A 115 1.23 -13.92 -5.34
N ASN A 116 0.59 -12.74 -5.50
CA ASN A 116 -0.34 -12.29 -4.50
C ASN A 116 -1.63 -13.13 -4.24
N TYR A 117 -1.95 -14.02 -5.17
CA TYR A 117 -3.06 -14.97 -5.07
C TYR A 117 -2.52 -16.41 -4.94
N CYS A 118 -1.22 -16.58 -4.69
CA CYS A 118 -0.69 -17.90 -4.33
C CYS A 118 -1.23 -18.32 -2.97
N PRO A 119 -1.74 -19.57 -2.91
CA PRO A 119 -2.24 -20.01 -1.65
C PRO A 119 -1.15 -20.10 -0.55
N ASN A 120 0.06 -20.22 -1.02
CA ASN A 120 1.21 -20.26 -0.10
C ASN A 120 2.04 -18.97 -0.14
N ARG A 121 1.40 -17.85 -0.44
CA ARG A 121 2.13 -16.60 -0.40
C ARG A 121 2.66 -16.34 1.00
N ILE A 122 3.79 -15.64 1.08
CA ILE A 122 4.37 -15.23 2.40
C ILE A 122 4.33 -13.71 2.45
N LEU A 123 3.56 -13.18 3.36
CA LEU A 123 3.45 -11.72 3.52
C LEU A 123 4.67 -11.14 4.24
N THR A 124 4.91 -9.85 3.96
CA THR A 124 6.06 -9.15 4.46
C THR A 124 6.11 -9.11 5.95
N PHE A 125 4.96 -9.07 6.61
CA PHE A 125 4.85 -9.37 8.05
C PHE A 125 3.53 -10.07 8.32
N GLY A 126 3.44 -10.66 9.50
CA GLY A 126 2.26 -11.45 9.86
C GLY A 126 2.43 -12.86 9.36
N SER A 127 3.67 -13.36 9.35
CA SER A 127 3.99 -14.60 8.73
C SER A 127 5.41 -15.02 9.12
N ARG A 128 5.72 -16.28 8.82
CA ARG A 128 7.10 -16.79 8.93
C ARG A 128 7.68 -17.13 7.56
N TYR A 129 8.98 -16.96 7.46
CA TYR A 129 9.69 -17.34 6.28
C TYR A 129 9.97 -18.83 6.26
N TYR A 130 10.52 -19.30 5.15
CA TYR A 130 10.83 -20.71 5.02
C TYR A 130 11.82 -21.26 6.08
N ASP A 131 12.60 -20.37 6.62
CA ASP A 131 13.55 -20.67 7.71
C ASP A 131 12.91 -20.76 9.09
N GLY A 132 11.60 -20.57 9.17
CA GLY A 132 10.87 -20.60 10.43
C GLY A 132 10.93 -19.33 11.20
N THR A 133 11.65 -18.33 10.68
CA THR A 133 11.83 -17.05 11.37
C THR A 133 10.66 -16.10 11.05
N LEU A 134 10.31 -15.29 12.04
CA LEU A 134 9.20 -14.32 11.92
C LEU A 134 9.58 -13.20 10.98
N ASN A 135 8.65 -12.83 10.09
CA ASN A 135 8.97 -11.78 9.13
C ASN A 135 8.71 -10.46 9.74
N HIS A 136 9.77 -9.64 9.72
CA HIS A 136 9.77 -8.25 10.22
C HIS A 136 9.83 -7.32 9.07
N GLY A 137 8.98 -6.27 9.11
CA GLY A 137 8.80 -5.35 8.03
C GLY A 137 9.83 -4.21 7.87
N GLY A 138 9.41 -3.13 7.24
CA GLY A 138 10.23 -2.06 6.75
C GLY A 138 10.50 -0.88 7.66
N TYR A 139 9.93 -0.86 8.88
CA TYR A 139 10.28 0.18 9.83
C TYR A 139 11.62 -0.22 10.49
N SER A 140 12.62 -0.35 9.66
CA SER A 140 13.91 -0.95 10.04
C SER A 140 15.02 -0.40 9.13
N ASP A 141 16.28 -0.59 9.53
CA ASP A 141 17.41 -0.05 8.83
C ASP A 141 17.86 -0.82 7.67
N LEU A 142 17.59 -2.12 7.68
CA LEU A 142 18.13 -3.02 6.69
C LEU A 142 17.05 -4.08 6.37
N MET A 143 16.90 -4.40 5.09
CA MET A 143 15.96 -5.41 4.68
C MET A 143 16.69 -6.43 3.81
N VAL A 144 16.15 -7.65 3.79
CA VAL A 144 16.68 -8.74 2.98
CA VAL A 144 16.67 -8.72 2.93
C VAL A 144 15.46 -9.38 2.28
N VAL A 145 15.54 -9.55 0.95
CA VAL A 145 14.41 -10.09 0.21
C VAL A 145 14.91 -10.96 -0.96
N GLN A 146 14.19 -12.03 -1.27
CA GLN A 146 14.53 -12.82 -2.42
C GLN A 146 14.35 -11.92 -3.66
N GLU A 147 15.25 -12.04 -4.63
CA GLU A 147 15.26 -11.13 -5.80
C GLU A 147 13.94 -11.03 -6.55
N HIS A 148 13.20 -12.12 -6.55
CA HIS A 148 11.92 -12.16 -7.31
C HIS A 148 10.90 -11.17 -6.75
N PHE A 149 11.04 -10.87 -5.46
CA PHE A 149 10.11 -10.00 -4.69
C PHE A 149 10.60 -8.59 -4.49
N ALA A 150 11.67 -8.19 -5.19
CA ALA A 150 12.08 -6.80 -5.22
C ALA A 150 11.82 -6.23 -6.63
N VAL A 151 11.44 -4.97 -6.66
CA VAL A 151 11.30 -4.22 -7.86
C VAL A 151 12.41 -3.20 -7.98
N ARG A 152 12.72 -2.83 -9.23
CA ARG A 152 13.65 -1.73 -9.55
C ARG A 152 12.94 -0.39 -9.55
N ILE A 153 13.51 0.58 -8.86
CA ILE A 153 12.97 1.93 -8.87
C ILE A 153 13.83 2.74 -9.88
N PRO A 154 13.22 3.28 -10.94
CA PRO A 154 13.94 4.13 -11.91
C PRO A 154 14.51 5.38 -11.34
N ASP A 155 15.64 5.84 -11.92
CA ASP A 155 16.17 7.23 -11.59
C ASP A 155 15.20 8.38 -11.64
N ALA A 156 14.29 8.36 -12.63
CA ALA A 156 13.26 9.42 -12.82
C ALA A 156 12.25 9.55 -11.68
N LEU A 157 12.22 8.58 -10.77
CA LEU A 157 11.21 8.58 -9.74
C LEU A 157 11.80 9.05 -8.40
N PRO A 158 11.29 10.19 -7.82
CA PRO A 158 11.73 10.51 -6.46
C PRO A 158 11.44 9.41 -5.45
N LEU A 159 12.40 9.09 -4.57
CA LEU A 159 12.23 7.95 -3.74
C LEU A 159 11.29 8.19 -2.60
N ASP A 160 11.25 9.46 -2.12
CA ASP A 160 10.38 9.75 -0.96
C ASP A 160 8.91 9.60 -1.20
N SER A 161 8.46 9.89 -2.42
CA SER A 161 7.06 9.71 -2.72
C SER A 161 6.73 8.41 -3.50
N ALA A 162 7.76 7.68 -3.87
CA ALA A 162 7.58 6.36 -4.52
C ALA A 162 7.04 5.31 -3.57
N ALA A 163 7.38 5.37 -2.26
CA ALA A 163 7.06 4.24 -1.40
C ALA A 163 5.61 3.78 -1.40
N PRO A 164 4.66 4.71 -1.37
CA PRO A 164 3.25 4.27 -1.33
C PRO A 164 2.82 3.51 -2.58
N LEU A 165 3.56 3.59 -3.67
CA LEU A 165 3.13 2.80 -4.84
C LEU A 165 3.12 1.30 -4.47
N LEU A 166 3.96 0.91 -3.49
CA LEU A 166 4.21 -0.54 -3.29
C LEU A 166 3.09 -1.26 -2.62
N CYS A 167 2.14 -0.53 -1.99
CA CYS A 167 0.91 -1.15 -1.50
C CYS A 167 -0.30 -0.34 -1.97
N ALA A 168 -0.41 0.89 -1.50
CA ALA A 168 -1.57 1.72 -1.88
C ALA A 168 -1.65 1.79 -3.43
N GLY A 169 -0.54 2.01 -4.14
CA GLY A 169 -0.54 2.22 -5.61
C GLY A 169 -0.97 0.96 -6.33
N ILE A 170 -0.27 -0.13 -6.07
CA ILE A 170 -0.57 -1.37 -6.76
C ILE A 170 -2.00 -1.89 -6.42
N THR A 171 -2.50 -1.62 -5.22
CA THR A 171 -3.82 -2.07 -4.87
C THR A 171 -4.91 -1.51 -5.81
N VAL A 172 -4.72 -0.23 -6.23
CA VAL A 172 -5.71 0.36 -7.16
C VAL A 172 -5.27 0.21 -8.63
N TYR A 173 -3.99 0.20 -8.93
CA TYR A 173 -3.53 0.04 -10.32
C TYR A 173 -3.96 -1.28 -10.85
N SER A 174 -3.76 -2.34 -10.04
CA SER A 174 -4.04 -3.69 -10.53
C SER A 174 -5.53 -3.88 -10.99
N PRO A 175 -6.52 -3.46 -10.18
CA PRO A 175 -7.91 -3.69 -10.65
C PRO A 175 -8.28 -2.71 -11.76
N LEU A 176 -7.74 -1.48 -11.74
CA LEU A 176 -8.01 -0.56 -12.85
C LEU A 176 -7.64 -1.24 -14.18
N ARG A 177 -6.52 -1.94 -14.20
CA ARG A 177 -6.09 -2.69 -15.37
C ARG A 177 -6.91 -3.97 -15.63
N TYR A 178 -7.07 -4.77 -14.60
CA TYR A 178 -7.70 -6.14 -14.78
C TYR A 178 -9.13 -5.99 -15.19
N TYR A 179 -9.85 -5.02 -14.58
CA TYR A 179 -11.28 -4.82 -14.88
C TYR A 179 -11.48 -3.85 -16.06
N GLY A 180 -10.44 -3.50 -16.79
CA GLY A 180 -10.69 -2.79 -18.00
C GLY A 180 -11.13 -1.34 -17.77
N LEU A 181 -10.72 -0.75 -16.66
CA LEU A 181 -11.09 0.61 -16.29
C LEU A 181 -9.96 1.59 -16.55
N ASP A 182 -9.22 1.39 -17.64
CA ASP A 182 -7.98 2.09 -17.93
C ASP A 182 -7.93 2.61 -19.34
N LYS A 183 -9.06 2.74 -20.00
N LYS A 183 -9.08 2.68 -20.01
CA LYS A 183 -9.03 3.24 -21.37
CA LYS A 183 -9.17 3.20 -21.40
C LYS A 183 -9.51 4.67 -21.42
C LYS A 183 -9.52 4.68 -21.41
N PRO A 184 -8.86 5.49 -22.24
CA PRO A 184 -9.21 6.88 -22.32
C PRO A 184 -10.68 7.02 -22.63
N GLY A 185 -11.30 7.93 -21.91
CA GLY A 185 -12.68 8.23 -22.25
C GLY A 185 -13.67 7.54 -21.32
N LEU A 186 -13.25 6.50 -20.63
CA LEU A 186 -14.12 5.88 -19.65
C LEU A 186 -14.36 6.84 -18.48
N HIS A 187 -15.41 6.59 -17.71
CA HIS A 187 -15.74 7.36 -16.50
C HIS A 187 -15.68 6.41 -15.26
N VAL A 188 -14.78 6.69 -14.35
CA VAL A 188 -14.60 5.87 -13.16
C VAL A 188 -14.82 6.69 -11.92
N GLY A 189 -15.58 6.12 -11.00
CA GLY A 189 -15.86 6.71 -9.67
C GLY A 189 -14.85 6.13 -8.65
N VAL A 190 -14.48 6.98 -7.69
CA VAL A 190 -13.57 6.60 -6.57
C VAL A 190 -14.30 6.95 -5.32
N VAL A 191 -14.51 5.96 -4.46
CA VAL A 191 -15.20 6.10 -3.18
C VAL A 191 -14.15 6.04 -2.10
N GLY A 192 -14.06 7.13 -1.33
CA GLY A 192 -13.07 7.17 -0.28
C GLY A 192 -11.82 7.91 -0.74
N LEU A 193 -11.44 9.00 -0.07
CA LEU A 193 -10.27 9.72 -0.55
C LEU A 193 -9.24 9.78 0.59
N GLY A 194 -8.67 8.62 0.83
CA GLY A 194 -7.55 8.41 1.69
C GLY A 194 -6.33 7.99 0.89
N GLY A 195 -5.45 7.20 1.49
CA GLY A 195 -4.29 6.75 0.74
C GLY A 195 -4.60 5.99 -0.55
N LEU A 196 -5.46 4.98 -0.48
CA LEU A 196 -5.85 4.28 -1.67
C LEU A 196 -6.61 5.15 -2.67
N GLY A 197 -7.57 5.90 -2.21
CA GLY A 197 -8.45 6.61 -3.10
C GLY A 197 -7.62 7.65 -3.86
N HIS A 198 -6.67 8.33 -3.19
CA HIS A 198 -5.92 9.37 -3.89
C HIS A 198 -5.04 8.78 -4.94
N MET A 199 -4.54 7.53 -4.76
CA MET A 199 -3.81 6.88 -5.82
CA MET A 199 -3.80 6.81 -5.81
C MET A 199 -4.71 6.45 -6.96
N ALA A 200 -5.91 6.03 -6.64
CA ALA A 200 -6.87 5.68 -7.70
C ALA A 200 -7.15 6.87 -8.59
N VAL A 201 -7.32 8.05 -8.02
CA VAL A 201 -7.56 9.28 -8.85
C VAL A 201 -6.36 9.55 -9.70
N LYS A 202 -5.13 9.52 -9.11
CA LYS A 202 -3.93 9.77 -9.87
C LYS A 202 -3.71 8.81 -11.01
N PHE A 203 -3.90 7.51 -10.81
CA PHE A 203 -3.66 6.54 -11.90
C PHE A 203 -4.79 6.68 -12.94
N ALA A 204 -6.04 6.79 -12.52
CA ALA A 204 -7.11 6.90 -13.48
C ALA A 204 -6.87 8.14 -14.37
N LYS A 205 -6.55 9.26 -13.79
CA LYS A 205 -6.23 10.48 -14.55
C LYS A 205 -5.12 10.20 -15.54
N ALA A 206 -4.07 9.52 -15.06
CA ALA A 206 -2.93 9.22 -15.98
C ALA A 206 -3.29 8.28 -17.13
N PHE A 207 -4.29 7.44 -16.94
CA PHE A 207 -4.77 6.56 -18.05
C PHE A 207 -5.65 7.29 -19.06
N GLY A 208 -6.03 8.52 -18.75
CA GLY A 208 -6.98 9.25 -19.65
C GLY A 208 -8.43 9.03 -19.31
N VAL A 209 -8.71 8.48 -18.13
CA VAL A 209 -10.05 8.24 -17.63
C VAL A 209 -10.56 9.51 -16.95
N LYS A 210 -11.86 9.75 -17.10
CA LYS A 210 -12.55 10.76 -16.35
C LYS A 210 -12.89 10.25 -14.95
N VAL A 211 -12.44 10.91 -13.89
CA VAL A 211 -12.56 10.47 -12.55
C VAL A 211 -13.47 11.35 -11.72
N THR A 212 -14.44 10.69 -11.10
CA THR A 212 -15.36 11.33 -10.16
C THR A 212 -15.07 10.84 -8.77
N VAL A 213 -14.82 11.74 -7.82
CA VAL A 213 -14.79 11.33 -6.40
C VAL A 213 -16.16 11.41 -5.73
N VAL A 214 -16.54 10.33 -5.07
CA VAL A 214 -17.77 10.20 -4.35
C VAL A 214 -17.46 10.14 -2.84
N SER A 215 -18.08 11.04 -2.08
CA SER A 215 -17.82 11.23 -0.64
C SER A 215 -19.04 11.72 0.11
N THR A 216 -19.10 11.36 1.40
CA THR A 216 -20.15 11.89 2.28
C THR A 216 -19.75 13.26 2.84
N SER A 217 -18.49 13.64 2.67
CA SER A 217 -17.96 14.86 3.31
C SER A 217 -17.84 16.07 2.36
N PRO A 218 -18.59 17.17 2.61
CA PRO A 218 -18.41 18.31 1.67
C PRO A 218 -17.01 18.84 1.62
N ALA A 219 -16.26 18.67 2.69
CA ALA A 219 -14.87 19.12 2.71
C ALA A 219 -13.95 18.43 1.76
N LYS A 220 -14.29 17.19 1.38
CA LYS A 220 -13.46 16.51 0.43
C LYS A 220 -13.64 17.06 -0.99
N LYS A 221 -14.63 17.92 -1.28
CA LYS A 221 -14.77 18.47 -2.64
C LYS A 221 -13.52 19.26 -2.99
N GLU A 222 -13.06 20.13 -2.07
CA GLU A 222 -11.91 20.90 -2.38
C GLU A 222 -10.67 20.04 -2.55
N ASP A 223 -10.54 19.01 -1.74
CA ASP A 223 -9.45 18.10 -1.89
C ASP A 223 -9.44 17.39 -3.26
N ALA A 224 -10.60 16.93 -3.67
CA ALA A 224 -10.73 16.18 -4.93
C ALA A 224 -10.50 17.05 -6.11
N ILE A 225 -11.09 18.25 -6.09
CA ILE A 225 -11.10 19.11 -7.28
C ILE A 225 -9.81 19.97 -7.35
N SER A 226 -9.55 20.74 -6.31
CA SER A 226 -8.39 21.65 -6.30
C SER A 226 -7.13 20.87 -5.97
N GLY A 227 -7.22 19.88 -5.09
CA GLY A 227 -5.98 19.23 -4.66
C GLY A 227 -5.49 18.18 -5.64
N LEU A 228 -6.38 17.27 -5.99
CA LEU A 228 -6.02 16.13 -6.83
C LEU A 228 -6.34 16.24 -8.29
N GLY A 229 -7.14 17.23 -8.70
CA GLY A 229 -7.45 17.36 -10.11
C GLY A 229 -8.47 16.34 -10.67
N ALA A 230 -9.29 15.79 -9.80
CA ALA A 230 -10.38 14.97 -10.27
C ALA A 230 -11.31 15.75 -11.18
N HIS A 231 -11.95 15.04 -12.09
CA HIS A 231 -12.88 15.67 -13.04
C HIS A 231 -14.17 16.12 -12.41
N SER A 232 -14.63 15.43 -11.36
CA SER A 232 -15.91 15.73 -10.79
C SER A 232 -15.99 15.21 -9.33
N PHE A 233 -16.95 15.69 -8.58
CA PHE A 233 -17.22 15.33 -7.17
C PHE A 233 -18.68 15.14 -7.02
N ILE A 234 -19.08 14.10 -6.29
CA ILE A 234 -20.48 13.87 -5.94
C ILE A 234 -20.52 13.75 -4.43
N LEU A 235 -21.39 14.58 -3.83
CA LEU A 235 -21.70 14.44 -2.38
C LEU A 235 -22.82 13.36 -2.26
N SER A 236 -22.45 12.23 -1.68
CA SER A 236 -23.33 11.05 -1.72
C SER A 236 -24.55 11.18 -0.79
N THR A 237 -24.50 12.15 0.12
CA THR A 237 -25.67 12.52 0.93
C THR A 237 -26.66 13.48 0.25
N ASP A 238 -26.39 13.92 -0.99
CA ASP A 238 -27.25 14.86 -1.65
C ASP A 238 -27.99 14.06 -2.71
N ALA A 239 -29.30 13.88 -2.54
CA ALA A 239 -30.02 12.96 -3.40
C ALA A 239 -30.10 13.45 -4.80
N GLU A 240 -30.23 14.77 -5.00
CA GLU A 240 -30.26 15.32 -6.35
C GLU A 240 -28.92 15.03 -7.06
N GLN A 241 -27.80 15.11 -6.35
CA GLN A 241 -26.50 14.93 -7.03
C GLN A 241 -26.39 13.44 -7.41
N MET A 242 -26.79 12.57 -6.51
CA MET A 242 -26.69 11.13 -6.76
C MET A 242 -27.61 10.74 -7.90
N GLN A 243 -28.80 11.35 -7.92
CA GLN A 243 -29.76 11.05 -8.95
C GLN A 243 -29.34 11.53 -10.30
N ALA A 244 -28.74 12.73 -10.37
CA ALA A 244 -28.21 13.24 -11.63
C ALA A 244 -27.15 12.33 -12.24
N ALA A 245 -26.46 11.55 -11.40
CA ALA A 245 -25.35 10.73 -11.90
C ALA A 245 -25.73 9.28 -12.14
N VAL A 246 -27.02 8.93 -12.08
CA VAL A 246 -27.44 7.53 -12.27
C VAL A 246 -26.99 7.09 -13.62
N GLY A 247 -26.43 5.85 -13.66
CA GLY A 247 -25.99 5.24 -14.85
C GLY A 247 -24.98 5.94 -15.68
N THR A 248 -23.96 6.55 -15.03
CA THR A 248 -22.92 7.29 -15.72
C THR A 248 -21.51 6.71 -15.62
N MET A 249 -21.28 5.73 -14.75
CA MET A 249 -19.90 5.25 -14.50
CA MET A 249 -19.88 5.31 -14.62
C MET A 249 -19.62 3.89 -15.10
N ASP A 250 -18.52 3.74 -15.81
CA ASP A 250 -18.09 2.46 -16.31
C ASP A 250 -17.66 1.54 -15.20
N GLY A 251 -17.13 2.15 -14.12
CA GLY A 251 -16.74 1.40 -12.99
C GLY A 251 -16.48 2.29 -11.78
N ILE A 252 -16.33 1.68 -10.63
CA ILE A 252 -16.09 2.38 -9.35
C ILE A 252 -15.05 1.59 -8.61
N ILE A 253 -14.02 2.29 -8.14
CA ILE A 253 -13.07 1.72 -7.18
C ILE A 253 -13.48 2.16 -5.81
N ASP A 254 -13.93 1.23 -4.99
CA ASP A 254 -14.43 1.52 -3.67
C ASP A 254 -13.38 1.16 -2.63
N THR A 255 -12.83 2.18 -1.94
CA THR A 255 -11.72 1.99 -1.06
C THR A 255 -12.07 1.97 0.42
N VAL A 256 -13.34 2.01 0.68
CA VAL A 256 -13.82 2.22 2.03
C VAL A 256 -13.96 0.90 2.82
N SER A 257 -13.30 0.82 3.97
CA SER A 257 -13.31 -0.37 4.81
C SER A 257 -14.23 -0.16 6.05
N ALA A 258 -15.44 0.23 5.81
CA ALA A 258 -16.40 0.67 6.81
C ALA A 258 -17.71 0.45 6.18
N SER A 259 -18.74 0.28 7.01
CA SER A 259 -20.03 0.14 6.51
C SER A 259 -20.41 1.34 5.63
N HIS A 260 -21.04 1.04 4.49
CA HIS A 260 -21.62 2.08 3.61
C HIS A 260 -22.67 1.45 2.68
N PRO A 261 -23.65 2.23 2.23
CA PRO A 261 -24.67 1.54 1.42
C PRO A 261 -24.17 1.20 0.01
N LEU A 262 -24.49 -0.02 -0.42
CA LEU A 262 -24.17 -0.46 -1.77
C LEU A 262 -25.14 -0.05 -2.86
N PRO A 263 -26.47 -0.17 -2.66
CA PRO A 263 -27.35 0.17 -3.78
C PRO A 263 -27.12 1.56 -4.46
N PRO A 264 -26.74 2.65 -3.68
CA PRO A 264 -26.58 3.92 -4.34
C PRO A 264 -25.41 3.87 -5.28
N LEU A 265 -24.39 3.07 -4.91
CA LEU A 265 -23.24 2.92 -5.79
C LEU A 265 -23.55 2.07 -7.05
N ILE A 266 -24.33 1.02 -6.89
CA ILE A 266 -24.74 0.19 -8.04
C ILE A 266 -25.52 1.10 -9.03
N SER A 267 -26.34 2.00 -8.47
CA SER A 267 -27.13 2.91 -9.30
C SER A 267 -26.28 3.85 -10.14
N LEU A 268 -25.11 4.29 -9.64
CA LEU A 268 -24.23 5.12 -10.44
C LEU A 268 -23.62 4.43 -11.66
N LEU A 269 -23.54 3.10 -11.59
CA LEU A 269 -22.97 2.33 -12.68
C LEU A 269 -23.88 2.33 -13.94
N LYS A 270 -23.26 2.49 -15.08
CA LYS A 270 -23.80 2.17 -16.41
C LYS A 270 -24.06 0.66 -16.45
N SER A 271 -24.93 0.25 -17.39
CA SER A 271 -24.95 -1.16 -17.74
CA SER A 271 -24.96 -1.18 -17.70
C SER A 271 -23.56 -1.67 -18.05
N HIS A 272 -23.32 -2.93 -17.63
CA HIS A 272 -22.03 -3.58 -17.74
C HIS A 272 -20.98 -2.95 -16.85
N GLY A 273 -21.39 -2.13 -15.91
CA GLY A 273 -20.52 -1.46 -14.99
C GLY A 273 -20.01 -2.39 -13.90
N LYS A 274 -18.84 -2.04 -13.30
CA LYS A 274 -18.14 -2.87 -12.34
CA LYS A 274 -18.18 -2.88 -12.35
C LYS A 274 -17.84 -2.11 -11.07
N LEU A 275 -18.39 -2.55 -9.94
CA LEU A 275 -18.04 -1.98 -8.64
C LEU A 275 -16.97 -2.89 -8.09
N VAL A 276 -15.74 -2.34 -8.03
CA VAL A 276 -14.58 -3.09 -7.51
C VAL A 276 -14.28 -2.62 -6.08
N MET A 277 -14.32 -3.56 -5.16
CA MET A 277 -14.01 -3.30 -3.77
C MET A 277 -12.56 -3.57 -3.53
N VAL A 278 -11.86 -2.61 -2.90
CA VAL A 278 -10.49 -2.93 -2.47
C VAL A 278 -10.34 -2.70 -0.99
N GLY A 279 -11.32 -2.09 -0.37
CA GLY A 279 -11.40 -2.03 1.10
C GLY A 279 -12.09 -3.25 1.70
N ASP A 280 -12.13 -3.33 3.00
CA ASP A 280 -12.71 -4.50 3.66
C ASP A 280 -13.65 -4.15 4.80
N PRO A 281 -14.93 -3.96 4.52
CA PRO A 281 -15.84 -3.59 5.58
C PRO A 281 -15.98 -4.74 6.54
N PRO A 282 -16.19 -4.43 7.84
CA PRO A 282 -16.13 -5.56 8.80
C PRO A 282 -17.38 -6.49 8.75
N LYS A 283 -18.50 -6.02 8.22
CA LYS A 283 -19.71 -6.85 8.12
C LYS A 283 -20.10 -7.09 6.65
N PRO A 284 -20.81 -8.19 6.42
CA PRO A 284 -21.21 -8.42 5.05
C PRO A 284 -22.12 -7.31 4.58
N LEU A 285 -22.06 -7.01 3.31
CA LEU A 285 -22.99 -6.03 2.86
C LEU A 285 -24.13 -6.71 2.08
N GLU A 286 -25.20 -5.92 1.99
CA GLU A 286 -26.51 -6.36 1.52
C GLU A 286 -26.51 -6.07 0.04
N LEU A 287 -26.64 -7.14 -0.73
CA LEU A 287 -26.53 -7.09 -2.19
C LEU A 287 -27.85 -7.46 -2.83
N PRO A 288 -28.57 -6.44 -3.36
CA PRO A 288 -29.81 -6.85 -3.99
C PRO A 288 -29.44 -7.36 -5.35
N VAL A 289 -29.96 -8.51 -5.72
CA VAL A 289 -29.55 -9.09 -6.99
C VAL A 289 -30.20 -8.46 -8.20
N PHE A 290 -31.46 -8.05 -8.09
CA PHE A 290 -32.17 -7.59 -9.27
C PHE A 290 -31.42 -6.52 -10.10
N PRO A 291 -30.87 -5.48 -9.46
CA PRO A 291 -30.16 -4.51 -10.28
C PRO A 291 -28.93 -5.00 -10.98
N LEU A 292 -28.31 -6.06 -10.43
CA LEU A 292 -27.18 -6.70 -11.16
C LEU A 292 -27.73 -7.38 -12.39
N LEU A 293 -28.91 -8.01 -12.28
CA LEU A 293 -29.45 -8.65 -13.47
C LEU A 293 -29.85 -7.66 -14.55
N LEU A 294 -30.62 -6.65 -14.17
CA LEU A 294 -31.21 -5.68 -15.11
C LEU A 294 -30.13 -4.93 -15.90
N GLY A 295 -28.97 -4.65 -15.26
CA GLY A 295 -27.92 -3.93 -15.93
C GLY A 295 -26.67 -4.69 -16.22
N ARG A 296 -26.67 -6.03 -16.03
CA ARG A 296 -25.44 -6.81 -16.25
C ARG A 296 -24.24 -6.14 -15.46
N LYS A 297 -24.45 -5.92 -14.19
CA LYS A 297 -23.44 -5.29 -13.34
C LYS A 297 -22.79 -6.32 -12.46
N MET A 298 -21.67 -5.89 -11.86
CA MET A 298 -20.89 -6.78 -11.03
C MET A 298 -20.36 -6.10 -9.83
N VAL A 299 -20.16 -6.90 -8.78
CA VAL A 299 -19.39 -6.47 -7.63
C VAL A 299 -18.21 -7.43 -7.48
N ALA A 300 -16.98 -6.89 -7.43
CA ALA A 300 -15.80 -7.72 -7.49
C ALA A 300 -14.78 -7.22 -6.54
N GLY A 301 -13.77 -8.02 -6.31
CA GLY A 301 -12.74 -7.65 -5.34
C GLY A 301 -11.37 -7.75 -6.02
N SER A 302 -10.36 -7.24 -5.28
CA SER A 302 -8.93 -7.38 -5.71
C SER A 302 -8.08 -7.08 -4.49
N ALA A 303 -6.88 -7.64 -4.49
CA ALA A 303 -5.89 -7.37 -3.42
C ALA A 303 -4.51 -7.22 -4.06
N ILE A 304 -3.80 -6.17 -3.61
CA ILE A 304 -2.48 -5.79 -4.11
C ILE A 304 -2.30 -6.11 -5.54
N GLY A 305 -1.15 -6.71 -5.93
CA GLY A 305 -0.82 -7.01 -7.31
C GLY A 305 0.34 -7.99 -7.32
N GLY A 306 0.52 -8.67 -8.43
CA GLY A 306 1.66 -9.59 -8.61
C GLY A 306 2.93 -8.82 -8.89
N MET A 307 4.07 -9.51 -8.88
CA MET A 307 5.36 -8.82 -9.06
C MET A 307 5.63 -8.14 -10.38
N LYS A 308 5.22 -8.82 -11.46
CA LYS A 308 5.42 -8.28 -12.78
C LYS A 308 4.68 -6.96 -12.93
N GLU A 309 3.39 -6.97 -12.48
CA GLU A 309 2.57 -5.76 -12.59
C GLU A 309 3.07 -4.66 -11.64
N THR A 310 3.61 -5.05 -10.48
CA THR A 310 4.17 -4.06 -9.59
C THR A 310 5.28 -3.28 -10.32
N GLN A 311 6.16 -4.01 -11.01
CA GLN A 311 7.28 -3.39 -11.78
C GLN A 311 6.73 -2.52 -12.92
N GLU A 312 5.68 -3.05 -13.60
CA GLU A 312 5.05 -2.28 -14.65
C GLU A 312 4.47 -0.95 -14.18
N MET A 313 3.78 -1.02 -13.07
CA MET A 313 3.23 0.16 -12.42
C MET A 313 4.31 1.21 -12.04
N ILE A 314 5.41 0.76 -11.45
CA ILE A 314 6.49 1.64 -11.12
C ILE A 314 7.02 2.33 -12.36
N ASP A 315 7.25 1.53 -13.41
CA ASP A 315 7.72 2.10 -14.67
C ASP A 315 6.73 3.14 -15.26
N PHE A 316 5.44 2.82 -15.22
CA PHE A 316 4.39 3.68 -15.66
C PHE A 316 4.41 5.01 -14.84
N ALA A 317 4.51 4.91 -13.52
CA ALA A 317 4.54 6.09 -12.68
C ALA A 317 5.69 6.99 -13.03
N ALA A 318 6.86 6.39 -13.28
CA ALA A 318 8.05 7.10 -13.62
C ALA A 318 7.87 7.85 -14.92
N LYS A 319 7.28 7.21 -15.90
CA LYS A 319 7.15 7.76 -17.22
C LYS A 319 6.05 8.79 -17.27
N GLU A 320 4.93 8.53 -16.62
CA GLU A 320 3.78 9.44 -16.67
C GLU A 320 3.70 10.53 -15.60
N GLY A 321 4.67 10.57 -14.72
CA GLY A 321 4.60 11.57 -13.69
C GLY A 321 3.68 11.34 -12.57
N VAL A 322 3.35 10.08 -12.22
CA VAL A 322 2.47 9.85 -11.07
C VAL A 322 3.28 9.89 -9.76
N ARG A 323 2.82 10.67 -8.79
CA ARG A 323 3.51 10.79 -7.49
C ARG A 323 2.44 10.84 -6.41
N ALA A 324 2.57 9.97 -5.45
CA ALA A 324 1.81 10.07 -4.21
C ALA A 324 2.03 11.41 -3.53
N ASP A 325 0.97 11.92 -2.87
CA ASP A 325 1.03 13.09 -2.02
C ASP A 325 1.41 12.59 -0.60
N VAL A 326 2.64 12.90 -0.18
CA VAL A 326 3.19 12.34 1.03
C VAL A 326 3.59 13.41 2.06
N GLU A 327 3.45 12.98 3.30
CA GLU A 327 3.99 13.71 4.44
C GLU A 327 5.19 12.89 4.97
N VAL A 328 6.35 13.44 4.77
CA VAL A 328 7.61 12.80 5.12
C VAL A 328 7.91 13.10 6.58
N ILE A 329 8.17 12.07 7.36
CA ILE A 329 8.28 12.18 8.84
C ILE A 329 9.56 11.48 9.32
N PRO A 330 10.08 11.96 10.46
CA PRO A 330 11.14 11.19 11.12
C PRO A 330 10.68 9.99 11.84
N MET A 331 11.53 9.00 12.01
CA MET A 331 11.15 7.77 12.63
C MET A 331 10.58 8.02 14.03
N ASP A 332 11.20 8.93 14.78
CA ASP A 332 10.73 9.13 16.11
C ASP A 332 9.37 9.83 16.24
N TYR A 333 8.75 10.19 15.13
CA TYR A 333 7.39 10.74 15.10
C TYR A 333 6.40 9.60 14.89
N VAL A 334 6.84 8.35 14.67
CA VAL A 334 5.92 7.33 14.17
C VAL A 334 4.69 7.09 15.08
N ASN A 335 4.87 7.15 16.43
CA ASN A 335 3.72 6.94 17.30
C ASN A 335 2.64 8.07 17.18
N THR A 336 3.04 9.28 16.98
CA THR A 336 2.17 10.37 16.70
C THR A 336 1.49 10.16 15.32
N ALA A 337 2.28 9.73 14.34
CA ALA A 337 1.73 9.44 13.01
C ALA A 337 0.66 8.39 13.11
N MET A 338 0.85 7.38 13.96
CA MET A 338 -0.12 6.30 14.05
C MET A 338 -1.44 6.85 14.58
N GLN A 339 -1.35 7.76 15.55
CA GLN A 339 -2.63 8.39 16.05
C GLN A 339 -3.29 9.16 14.91
N ARG A 340 -2.53 9.86 14.09
CA ARG A 340 -3.08 10.60 12.96
C ARG A 340 -3.64 9.67 11.86
N VAL A 341 -3.00 8.55 11.62
CA VAL A 341 -3.49 7.60 10.61
C VAL A 341 -4.86 7.08 11.10
N SER A 342 -5.00 6.83 12.38
CA SER A 342 -6.28 6.29 12.91
C SER A 342 -7.48 7.26 12.73
N LYS A 343 -7.18 8.51 12.57
CA LYS A 343 -8.18 9.51 12.22
C LYS A 343 -8.16 10.00 10.74
N SER A 344 -7.51 9.28 9.84
CA SER A 344 -7.31 9.71 8.46
C SER A 344 -6.82 11.15 8.37
N ASP A 345 -5.96 11.56 9.31
CA ASP A 345 -5.51 12.94 9.38
C ASP A 345 -4.15 13.11 8.64
N VAL A 346 -4.12 12.74 7.36
CA VAL A 346 -2.95 12.90 6.54
C VAL A 346 -3.43 13.11 5.07
N LYS A 347 -2.68 13.88 4.28
CA LYS A 347 -3.02 14.11 2.89
C LYS A 347 -1.88 13.74 1.98
N TYR A 348 -1.71 12.46 1.66
CA TYR A 348 -2.60 11.35 1.93
C TYR A 348 -1.90 10.11 2.46
N ARG A 349 -0.58 10.19 2.62
CA ARG A 349 0.22 9.07 3.10
C ARG A 349 1.41 9.62 3.88
N PHE A 350 1.69 9.02 5.06
CA PHE A 350 2.98 9.25 5.76
C PHE A 350 4.07 8.38 5.11
N VAL A 351 5.26 8.93 4.98
CA VAL A 351 6.41 8.17 4.59
C VAL A 351 7.53 8.48 5.63
N ILE A 352 8.07 7.46 6.21
CA ILE A 352 9.14 7.63 7.23
C ILE A 352 10.42 7.78 6.46
N ASP A 353 11.22 8.83 6.76
CA ASP A 353 12.55 9.01 6.12
C ASP A 353 13.53 8.20 7.00
N ILE A 354 13.57 6.89 6.69
CA ILE A 354 14.45 5.97 7.40
C ILE A 354 15.93 6.36 7.18
N GLY A 355 16.26 6.66 5.94
CA GLY A 355 17.68 6.90 5.55
C GLY A 355 18.28 8.08 6.28
N ASN A 356 17.52 9.15 6.51
CA ASN A 356 18.06 10.32 7.17
C ASN A 356 17.75 10.43 8.63
N THR A 357 16.82 9.65 9.17
CA THR A 357 16.34 9.84 10.56
C THR A 357 16.34 8.65 11.46
N PHE A 358 16.51 7.42 10.93
CA PHE A 358 16.29 6.24 11.72
C PHE A 358 17.37 6.13 12.83
N ASN A 359 18.62 6.24 12.39
CA ASN A 359 19.71 6.14 13.40
C ASN A 359 19.63 7.24 14.41
N ASP A 360 19.21 8.44 14.01
CA ASP A 360 19.05 9.55 14.92
C ASP A 360 18.05 9.19 16.03
N SER A 361 17.02 8.36 15.71
CA SER A 361 16.04 7.99 16.68
C SER A 361 16.50 7.05 17.76
N LEU A 362 17.66 6.42 17.50
CA LEU A 362 18.28 5.45 18.39
C LEU A 362 19.30 6.07 19.34
N ILE A 363 19.76 7.26 19.03
CA ILE A 363 20.92 7.86 19.76
C ILE A 363 20.47 8.19 21.15
N SER A 364 21.23 7.75 22.13
CA SER A 364 20.90 8.04 23.52
C SER A 364 20.80 9.55 23.79
N SER A 365 19.76 9.94 24.58
CA SER A 365 19.64 11.33 25.01
C SER A 365 20.06 11.54 26.51
N GLU A 366 20.84 10.61 27.05
CA GLU A 366 21.41 10.73 28.42
C GLU A 366 22.37 11.86 28.46
N VAL A 367 22.15 12.79 29.38
CA VAL A 367 22.96 13.96 29.52
C VAL A 367 24.26 13.56 30.21
N GLU A 368 25.40 14.09 29.72
CA GLU A 368 26.68 13.72 30.28
C GLU A 368 26.89 14.46 31.58
N HIS A 369 27.41 13.76 32.60
CA HIS A 369 27.48 14.35 33.97
C HIS A 369 28.47 13.58 34.81
N HIS A 370 29.06 14.27 35.74
CA HIS A 370 29.80 13.61 36.84
C HIS A 370 28.77 13.10 37.81
N HIS A 371 29.12 12.06 38.54
CA HIS A 371 28.24 11.49 39.52
C HIS A 371 28.80 11.88 40.90
N HIS A 372 28.24 12.92 41.47
CA HIS A 372 28.87 13.51 42.70
C HIS A 372 28.14 13.09 43.99
N HIS A 373 26.88 12.66 43.84
CA HIS A 373 26.02 12.37 44.97
C HIS A 373 26.08 10.88 45.26
N HIS A 374 26.74 10.56 46.37
CA HIS A 374 26.93 9.18 46.81
C HIS A 374 26.29 9.00 48.16
#